data_3RTD
#
_entry.id   3RTD
#
_cell.length_a   121.810
_cell.length_b   121.810
_cell.length_c   155.221
_cell.angle_alpha   90.00
_cell.angle_beta   90.00
_cell.angle_gamma   90.00
#
_symmetry.space_group_name_H-M   'I 4 2 2'
#
loop_
_entity.id
_entity.type
_entity.pdbx_description
1 polymer 'Putative uncharacterized protein'
2 polymer 'Unknown peptide, probably from expression host'
3 non-polymer 'POTASSIUM ION'
4 non-polymer 'MAGNESIUM ION'
5 non-polymer '1,4-DIHYDRONICOTINAMIDE ADENINE DINUCLEOTIDE'
6 non-polymer "ADENOSINE-5'-DIPHOSPHATE"
7 non-polymer 'BETA-6-HYDROXY-1,4,5,6-TETRHYDRONICOTINAMIDE ADENINE DINUCLEOTIDE'
8 water water
#
loop_
_entity_poly.entity_id
_entity_poly.type
_entity_poly.pdbx_seq_one_letter_code
_entity_poly.pdbx_strand_id
1 'polypeptide(L)'
;MGSDKIHHHHHHMKEIDELTIKEYGVDSRILMERAGISVVLAMEEELGNLSDYRFLVLCGGGNNGGDGFVVARNLLGVVK
DVLVVFLGKKKTPDCEYNYGLYKKFGGKVVEQFEPSILNEFDVVVDAIFGTGLRGEITGEYAEIINLVNKSGKVVVSVDV
PSGIDSNTGKVLRTAVKADLTVTFGVPKIGHILFPGRDLTGKLKVANIGHPVHLINSINRYVITREMVRSLLPERPRDSH
KGTYGKVLIIAGSRLYSGAPVLSGMGSLKVGTGLVKLAVPFPQNLIATSRFPELISVPIDTEKGFFSLQNLQECLELSKD
VDVVAIGPGLGNNEHVREFVNEFLKTLEKPAVIDADAINVLDTSVLKERKSPAVLTPHPGEMARLVKKTVGDVKYNYELA
EEFAKENDCVLVLKSATTIVTDGEKTLFNITGNTGLSKGGSGDVLTGMIAGFIAQGLSPLEASTVSVYLHGFAAELFEQD
ERGLTASELLRLIPEAIRRLKE
;
A
2 'polypeptide(L)' AAWLFEA B
#
# COMPACT_ATOMS: atom_id res chain seq x y z
N MET A 13 4.42 -16.19 8.23
CA MET A 13 4.47 -15.77 9.67
C MET A 13 4.14 -16.87 10.68
N LYS A 14 3.08 -17.63 10.38
CA LYS A 14 2.77 -18.84 11.17
C LYS A 14 4.00 -19.77 11.02
N GLU A 15 4.41 -19.96 9.76
CA GLU A 15 5.69 -20.52 9.35
C GLU A 15 6.82 -20.05 10.27
N ILE A 16 6.87 -18.73 10.47
CA ILE A 16 8.03 -18.05 11.11
C ILE A 16 8.16 -18.40 12.59
N ASP A 17 7.04 -18.23 13.32
CA ASP A 17 6.97 -18.65 14.70
C ASP A 17 7.33 -20.12 14.87
N GLU A 18 6.76 -20.97 14.01
CA GLU A 18 6.92 -22.42 14.11
C GLU A 18 8.37 -22.77 13.94
N LEU A 19 8.99 -22.21 12.90
CA LEU A 19 10.36 -22.52 12.61
C LEU A 19 11.26 -22.01 13.77
N THR A 20 10.92 -20.84 14.33
CA THR A 20 11.77 -20.20 15.36
C THR A 20 11.74 -21.09 16.61
N ILE A 21 10.56 -21.64 16.95
CA ILE A 21 10.47 -22.63 18.03
C ILE A 21 11.09 -24.00 17.66
N LYS A 22 10.58 -24.58 16.57
CA LYS A 22 10.76 -26.00 16.27
C LYS A 22 12.16 -26.28 15.70
N GLU A 23 12.68 -25.39 14.86
CA GLU A 23 14.01 -25.62 14.28
C GLU A 23 15.12 -24.81 14.96
N TYR A 24 14.85 -23.57 15.32
CA TYR A 24 15.91 -22.71 15.92
C TYR A 24 15.99 -22.99 17.41
N GLY A 25 14.89 -23.33 18.03
CA GLY A 25 14.91 -23.80 19.41
C GLY A 25 14.52 -22.79 20.46
N VAL A 26 13.85 -21.74 20.03
CA VAL A 26 13.45 -20.69 20.97
C VAL A 26 12.20 -21.13 21.65
N ASP A 27 12.22 -21.22 22.97
CA ASP A 27 11.03 -21.64 23.69
C ASP A 27 9.90 -20.70 23.35
N SER A 28 8.73 -21.27 23.07
CA SER A 28 7.57 -20.46 22.77
C SER A 28 7.22 -19.53 23.93
N ARG A 29 7.53 -19.89 25.15
CA ARG A 29 7.24 -18.92 26.20
C ARG A 29 8.07 -17.63 26.14
N ILE A 30 9.30 -17.77 25.67
CA ILE A 30 10.22 -16.67 25.50
C ILE A 30 9.70 -15.71 24.41
N LEU A 31 9.32 -16.24 23.24
CA LEU A 31 8.69 -15.43 22.23
C LEU A 31 7.49 -14.71 22.82
N MET A 32 6.71 -15.39 23.64
CA MET A 32 5.48 -14.77 24.14
C MET A 32 5.89 -13.62 25.14
N GLU A 33 6.91 -13.86 25.97
CA GLU A 33 7.38 -12.81 26.86
C GLU A 33 7.88 -11.59 26.13
N ARG A 34 8.68 -11.79 25.10
CA ARG A 34 9.19 -10.69 24.31
C ARG A 34 8.05 -9.93 23.65
N ALA A 35 7.04 -10.65 23.14
CA ALA A 35 5.83 -10.04 22.59
C ALA A 35 5.19 -9.07 23.57
N GLY A 36 4.87 -9.57 24.75
CA GLY A 36 4.17 -8.76 25.72
C GLY A 36 4.98 -7.56 26.21
N ILE A 37 6.29 -7.69 26.40
CA ILE A 37 7.01 -6.58 26.92
C ILE A 37 7.19 -5.54 25.84
N SER A 38 7.19 -5.95 24.60
CA SER A 38 7.32 -5.02 23.52
C SER A 38 6.04 -4.18 23.48
N VAL A 39 4.91 -4.79 23.84
CA VAL A 39 3.67 -3.98 23.95
C VAL A 39 3.78 -2.93 25.07
N VAL A 40 4.34 -3.31 26.21
CA VAL A 40 4.48 -2.37 27.29
C VAL A 40 5.36 -1.22 26.85
N LEU A 41 6.45 -1.50 26.17
CA LEU A 41 7.43 -0.45 25.85
C LEU A 41 6.85 0.47 24.79
N ALA A 42 6.08 -0.10 23.84
CA ALA A 42 5.45 0.69 22.79
C ALA A 42 4.44 1.68 23.45
N MET A 43 3.73 1.24 24.49
CA MET A 43 2.76 2.12 25.16
C MET A 43 3.45 3.22 25.90
N GLU A 44 4.54 2.88 26.58
CA GLU A 44 5.32 3.88 27.29
C GLU A 44 5.81 5.01 26.33
N GLU A 45 6.40 4.61 25.21
CA GLU A 45 6.80 5.49 24.09
C GLU A 45 5.66 6.41 23.60
N GLU A 46 4.45 5.90 23.57
CA GLU A 46 3.33 6.61 23.00
C GLU A 46 2.63 7.43 24.02
N LEU A 47 2.57 6.95 25.27
CA LEU A 47 1.80 7.61 26.32
C LEU A 47 2.61 8.37 27.36
N GLY A 48 3.93 8.27 27.31
CA GLY A 48 4.78 8.74 28.41
C GLY A 48 4.68 7.80 29.60
N ASN A 49 5.07 8.30 30.76
CA ASN A 49 5.07 7.49 31.98
C ASN A 49 3.72 6.79 32.17
N LEU A 50 3.76 5.47 32.29
CA LEU A 50 2.55 4.65 32.40
C LEU A 50 1.94 4.62 33.81
N SER A 51 2.62 5.13 34.82
CA SER A 51 2.16 4.89 36.19
C SER A 51 0.88 5.69 36.56
N ASP A 52 0.54 6.70 35.78
CA ASP A 52 -0.67 7.46 36.00
C ASP A 52 -1.93 6.81 35.47
N TYR A 53 -1.83 5.69 34.78
CA TYR A 53 -2.98 5.18 34.02
C TYR A 53 -3.52 3.86 34.59
N ARG A 54 -4.78 3.61 34.32
CA ARG A 54 -5.41 2.37 34.69
C ARG A 54 -5.72 1.59 33.43
N PHE A 55 -5.36 0.32 33.42
CA PHE A 55 -5.39 -0.53 32.22
C PHE A 55 -6.36 -1.67 32.33
N LEU A 56 -7.23 -1.80 31.32
CA LEU A 56 -8.19 -2.91 31.23
C LEU A 56 -7.69 -3.80 30.11
N VAL A 57 -7.20 -4.97 30.47
CA VAL A 57 -6.68 -5.91 29.49
C VAL A 57 -7.75 -6.94 29.16
N LEU A 58 -8.00 -7.08 27.86
CA LEU A 58 -9.02 -8.00 27.36
C LEU A 58 -8.33 -9.16 26.70
N CYS A 59 -8.46 -10.34 27.30
CA CYS A 59 -7.73 -11.50 26.88
C CYS A 59 -8.65 -12.60 26.41
N GLY A 60 -8.40 -13.06 25.18
CA GLY A 60 -9.02 -14.29 24.72
C GLY A 60 -8.23 -15.50 25.23
N GLY A 61 -8.71 -16.67 24.87
CA GLY A 61 -8.09 -17.89 25.20
C GLY A 61 -6.93 -18.36 24.36
N GLY A 62 -6.63 -17.68 23.27
CA GLY A 62 -5.49 -18.04 22.44
C GLY A 62 -4.18 -17.43 22.86
N ASN A 63 -3.19 -17.53 21.97
CA ASN A 63 -1.90 -16.93 22.22
C ASN A 63 -1.92 -15.40 22.13
N ASN A 64 -2.88 -14.82 21.39
CA ASN A 64 -3.05 -13.39 21.47
C ASN A 64 -3.34 -13.02 22.91
N GLY A 65 -4.29 -13.73 23.52
CA GLY A 65 -4.58 -13.48 24.92
C GLY A 65 -3.42 -13.76 25.84
N GLY A 66 -2.63 -14.79 25.52
CA GLY A 66 -1.43 -15.08 26.31
C GLY A 66 -0.50 -13.87 26.33
N ASP A 67 -0.34 -13.28 25.16
CA ASP A 67 0.45 -12.06 25.02
C ASP A 67 -0.11 -10.98 25.96
N GLY A 68 -1.45 -10.83 25.95
CA GLY A 68 -2.13 -9.95 26.88
C GLY A 68 -1.78 -10.23 28.35
N PHE A 69 -1.79 -11.49 28.78
CA PHE A 69 -1.45 -11.83 30.16
C PHE A 69 -0.05 -11.35 30.49
N VAL A 70 0.86 -11.47 29.52
CA VAL A 70 2.24 -11.00 29.74
C VAL A 70 2.25 -9.51 29.98
N VAL A 71 1.49 -8.79 29.16
CA VAL A 71 1.35 -7.34 29.32
C VAL A 71 0.78 -7.01 30.70
N ALA A 72 -0.32 -7.67 31.08
CA ALA A 72 -0.96 -7.32 32.36
C ALA A 72 0.02 -7.59 33.48
N ARG A 73 0.67 -8.73 33.44
CA ARG A 73 1.54 -9.09 34.52
C ARG A 73 2.65 -8.08 34.69
N ASN A 74 3.19 -7.60 33.59
CA ASN A 74 4.30 -6.64 33.62
C ASN A 74 3.88 -5.25 34.04
N LEU A 75 2.58 -4.93 33.92
CA LEU A 75 2.06 -3.65 34.49
C LEU A 75 1.83 -3.73 36.05
N LEU A 76 1.69 -4.93 36.62
CA LEU A 76 1.39 -5.06 38.05
C LEU A 76 2.43 -4.34 38.93
N GLY A 77 1.94 -3.48 39.82
CA GLY A 77 2.79 -2.77 40.76
C GLY A 77 3.42 -1.49 40.24
N VAL A 78 3.38 -1.31 38.93
CA VAL A 78 3.99 -0.15 38.32
C VAL A 78 3.00 0.90 37.85
N VAL A 79 1.73 0.54 37.69
CA VAL A 79 0.71 1.48 37.19
C VAL A 79 -0.42 1.63 38.19
N LYS A 80 -1.31 2.57 37.96
CA LYS A 80 -2.36 2.82 38.94
C LYS A 80 -3.21 1.55 39.15
N ASP A 81 -3.56 0.86 38.08
CA ASP A 81 -4.44 -0.27 38.23
C ASP A 81 -4.41 -1.12 36.94
N VAL A 82 -4.43 -2.44 37.16
CA VAL A 82 -4.59 -3.42 36.11
C VAL A 82 -5.79 -4.28 36.41
N LEU A 83 -6.60 -4.53 35.40
CA LEU A 83 -7.61 -5.58 35.48
C LEU A 83 -7.63 -6.38 34.16
N VAL A 84 -7.71 -7.70 34.24
CA VAL A 84 -7.92 -8.53 33.08
C VAL A 84 -9.37 -9.03 33.03
N VAL A 85 -9.96 -8.95 31.86
CA VAL A 85 -11.26 -9.57 31.60
C VAL A 85 -10.93 -10.71 30.68
N PHE A 86 -11.01 -11.90 31.22
CA PHE A 86 -10.72 -13.09 30.45
C PHE A 86 -12.01 -13.52 29.77
N LEU A 87 -11.96 -13.58 28.45
CA LEU A 87 -13.14 -13.80 27.63
C LEU A 87 -13.18 -15.18 27.02
N GLY A 88 -12.12 -15.95 27.11
CA GLY A 88 -12.10 -17.25 26.42
C GLY A 88 -12.80 -18.37 27.20
N LYS A 89 -12.85 -19.56 26.61
CA LYS A 89 -13.24 -20.75 27.37
C LYS A 89 -11.95 -21.53 27.66
N LYS A 90 -11.42 -22.25 26.68
CA LYS A 90 -10.16 -22.95 26.89
C LYS A 90 -8.96 -21.96 26.73
N LYS A 91 -7.79 -22.36 27.23
CA LYS A 91 -6.57 -21.59 27.09
C LYS A 91 -5.58 -22.47 26.37
N THR A 92 -4.82 -21.90 25.46
CA THR A 92 -3.68 -22.60 24.96
C THR A 92 -2.63 -22.69 26.07
N PRO A 93 -1.64 -23.57 25.87
CA PRO A 93 -0.64 -23.83 26.97
C PRO A 93 0.09 -22.58 27.34
N ASP A 94 0.54 -21.80 26.37
CA ASP A 94 1.28 -20.56 26.71
C ASP A 94 0.36 -19.53 27.32
N CYS A 95 -0.90 -19.50 26.87
CA CYS A 95 -1.85 -18.62 27.51
C CYS A 95 -2.13 -19.07 28.96
N GLU A 96 -2.28 -20.36 29.16
CA GLU A 96 -2.47 -20.95 30.48
C GLU A 96 -1.30 -20.57 31.45
N TYR A 97 -0.08 -20.82 31.01
CA TYR A 97 1.12 -20.47 31.73
C TYR A 97 1.13 -19.03 32.15
N ASN A 98 0.81 -18.16 31.22
CA ASN A 98 0.90 -16.77 31.49
C ASN A 98 -0.23 -16.23 32.32
N TYR A 99 -1.37 -16.87 32.20
CA TYR A 99 -2.48 -16.65 33.07
C TYR A 99 -2.11 -17.00 34.51
N GLY A 100 -1.44 -18.11 34.70
CA GLY A 100 -1.02 -18.55 36.01
C GLY A 100 0.02 -17.63 36.59
N LEU A 101 0.92 -17.12 35.74
CA LEU A 101 1.90 -16.11 36.22
C LEU A 101 1.21 -14.81 36.68
N TYR A 102 0.24 -14.36 35.91
CA TYR A 102 -0.43 -13.11 36.24
C TYR A 102 -1.09 -13.21 37.60
N LYS A 103 -1.76 -14.32 37.82
CA LYS A 103 -2.40 -14.63 39.12
C LYS A 103 -1.42 -14.74 40.29
N LYS A 104 -0.34 -15.48 40.07
CA LYS A 104 0.69 -15.63 41.14
C LYS A 104 1.23 -14.27 41.54
N PHE A 105 1.39 -13.41 40.54
CA PHE A 105 1.93 -12.07 40.73
C PHE A 105 0.93 -11.17 41.42
N GLY A 106 -0.28 -11.67 41.64
CA GLY A 106 -1.31 -10.90 42.30
C GLY A 106 -2.32 -10.18 41.45
N GLY A 107 -2.30 -10.43 40.15
CA GLY A 107 -3.24 -9.81 39.25
C GLY A 107 -4.67 -10.29 39.40
N LYS A 108 -5.60 -9.38 39.23
CA LYS A 108 -7.01 -9.71 39.36
C LYS A 108 -7.62 -10.01 38.01
N VAL A 109 -8.32 -11.12 37.92
CA VAL A 109 -8.96 -11.52 36.70
C VAL A 109 -10.45 -11.70 36.85
N VAL A 110 -11.24 -11.13 35.96
CA VAL A 110 -12.66 -11.48 35.97
C VAL A 110 -13.00 -12.16 34.67
N GLU A 111 -14.15 -12.81 34.65
CA GLU A 111 -14.63 -13.57 33.51
C GLU A 111 -15.92 -12.99 32.95
N GLN A 112 -16.53 -12.02 33.63
CA GLN A 112 -17.66 -11.30 33.04
C GLN A 112 -17.53 -9.76 32.92
N PHE A 113 -17.71 -9.29 31.70
CA PHE A 113 -17.70 -7.89 31.29
C PHE A 113 -19.04 -7.21 31.64
N GLU A 114 -18.94 -6.12 32.41
CA GLU A 114 -20.08 -5.26 32.73
C GLU A 114 -19.85 -3.90 32.06
N PRO A 115 -20.76 -3.47 31.16
CA PRO A 115 -20.59 -2.21 30.41
C PRO A 115 -19.99 -1.07 31.24
N SER A 116 -20.52 -0.86 32.43
CA SER A 116 -19.97 0.10 33.41
C SER A 116 -18.46 0.02 33.65
N ILE A 117 -17.80 -1.04 33.19
CA ILE A 117 -16.39 -1.24 33.57
C ILE A 117 -15.43 -0.30 32.90
N LEU A 118 -15.68 0.06 31.65
CA LEU A 118 -14.81 0.99 30.97
C LEU A 118 -14.69 2.29 31.75
N ASN A 119 -15.74 2.64 32.52
CA ASN A 119 -15.75 3.84 33.37
C ASN A 119 -14.49 4.08 34.18
N GLU A 120 -13.92 3.03 34.77
CA GLU A 120 -12.84 3.15 35.76
C GLU A 120 -11.42 2.87 35.23
N PHE A 121 -11.26 2.90 33.91
CA PHE A 121 -9.97 2.62 33.25
C PHE A 121 -9.72 3.63 32.16
N ASP A 122 -8.45 3.84 31.87
CA ASP A 122 -8.01 4.82 30.89
C ASP A 122 -7.55 4.17 29.59
N VAL A 123 -6.92 2.99 29.70
CA VAL A 123 -6.39 2.28 28.53
C VAL A 123 -6.97 0.87 28.48
N VAL A 124 -7.53 0.50 27.32
CA VAL A 124 -7.94 -0.86 27.00
C VAL A 124 -6.85 -1.45 26.14
N VAL A 125 -6.29 -2.58 26.60
CA VAL A 125 -5.36 -3.39 25.85
C VAL A 125 -6.15 -4.52 25.20
N ASP A 126 -6.15 -4.61 23.88
CA ASP A 126 -7.06 -5.54 23.15
C ASP A 126 -6.26 -6.75 22.72
N ALA A 127 -6.39 -7.82 23.49
CA ALA A 127 -5.70 -9.07 23.25
C ALA A 127 -6.74 -10.19 23.12
N ILE A 128 -7.86 -9.91 22.47
CA ILE A 128 -8.96 -10.87 22.34
C ILE A 128 -8.63 -11.85 21.24
N PHE A 129 -8.48 -11.35 20.02
CA PHE A 129 -8.03 -12.15 18.89
C PHE A 129 -6.92 -11.47 18.11
N GLY A 130 -5.95 -12.26 17.67
CA GLY A 130 -4.98 -11.81 16.67
C GLY A 130 -5.11 -12.55 15.31
N THR A 131 -4.04 -13.21 14.88
CA THR A 131 -4.03 -13.97 13.60
C THR A 131 -4.81 -15.26 13.65
N GLY A 132 -5.23 -15.66 14.85
CA GLY A 132 -6.04 -16.88 15.01
C GLY A 132 -7.53 -16.62 14.81
N LEU A 133 -7.90 -15.39 14.52
CA LEU A 133 -9.34 -15.12 14.26
C LEU A 133 -9.86 -15.97 13.09
N ARG A 134 -10.96 -16.67 13.29
CA ARG A 134 -11.59 -17.42 12.18
C ARG A 134 -13.11 -17.15 12.10
N GLY A 135 -13.51 -16.63 10.93
CA GLY A 135 -14.88 -16.26 10.68
C GLY A 135 -15.29 -15.11 11.57
N GLU A 136 -16.60 -14.86 11.57
CA GLU A 136 -17.20 -13.67 12.16
C GLU A 136 -17.24 -13.66 13.67
N ILE A 137 -17.14 -12.49 14.26
CA ILE A 137 -17.30 -12.30 15.70
C ILE A 137 -18.75 -11.97 16.02
N THR A 138 -19.36 -12.72 16.93
CA THR A 138 -20.71 -12.40 17.42
C THR A 138 -20.74 -12.56 18.95
N GLY A 139 -21.95 -12.60 19.51
CA GLY A 139 -22.11 -12.97 20.90
C GLY A 139 -21.45 -11.96 21.81
N GLU A 140 -20.92 -12.43 22.95
CA GLU A 140 -20.35 -11.54 23.95
C GLU A 140 -19.23 -10.79 23.25
N TYR A 141 -18.41 -11.52 22.48
CA TYR A 141 -17.22 -10.93 21.85
C TYR A 141 -17.53 -9.63 21.04
N ALA A 142 -18.56 -9.67 20.18
CA ALA A 142 -19.02 -8.49 19.45
C ALA A 142 -19.49 -7.33 20.37
N GLU A 143 -20.30 -7.63 21.39
CA GLU A 143 -20.79 -6.58 22.29
C GLU A 143 -19.65 -5.86 22.95
N ILE A 144 -18.67 -6.62 23.42
CA ILE A 144 -17.55 -6.05 24.14
C ILE A 144 -16.73 -5.19 23.18
N ILE A 145 -16.51 -5.63 21.95
CA ILE A 145 -15.80 -4.81 20.97
C ILE A 145 -16.54 -3.52 20.66
N ASN A 146 -17.88 -3.61 20.55
CA ASN A 146 -18.70 -2.42 20.26
C ASN A 146 -18.71 -1.42 21.44
N LEU A 147 -18.75 -1.94 22.66
CA LEU A 147 -18.56 -1.13 23.88
C LEU A 147 -17.22 -0.41 23.89
N VAL A 148 -16.11 -1.13 23.75
CA VAL A 148 -14.79 -0.50 23.64
C VAL A 148 -14.73 0.59 22.54
N ASN A 149 -15.18 0.27 21.32
CA ASN A 149 -15.31 1.27 20.27
C ASN A 149 -16.18 2.51 20.62
N LYS A 150 -17.14 2.40 21.55
CA LYS A 150 -17.98 3.56 21.96
C LYS A 150 -17.45 4.29 23.19
N SER A 151 -16.33 3.82 23.76
CA SER A 151 -15.92 4.28 25.07
C SER A 151 -15.08 5.56 25.03
N GLY A 152 -14.46 5.84 23.88
CA GLY A 152 -13.50 6.94 23.73
C GLY A 152 -12.22 6.77 24.56
N LYS A 153 -11.92 5.54 24.98
CA LYS A 153 -10.66 5.32 25.69
C LYS A 153 -9.53 5.08 24.70
N VAL A 154 -8.31 5.21 25.19
CA VAL A 154 -7.13 4.78 24.45
C VAL A 154 -7.08 3.24 24.31
N VAL A 155 -6.99 2.78 23.07
CA VAL A 155 -7.03 1.37 22.72
C VAL A 155 -5.71 1.00 22.06
N VAL A 156 -5.06 -0.01 22.63
CA VAL A 156 -3.81 -0.56 22.13
C VAL A 156 -4.15 -2.01 21.79
N SER A 157 -3.97 -2.38 20.52
CA SER A 157 -4.21 -3.73 20.08
C SER A 157 -2.94 -4.52 20.02
N VAL A 158 -3.03 -5.74 20.55
CA VAL A 158 -1.96 -6.69 20.49
C VAL A 158 -2.03 -7.45 19.17
N ASP A 159 -1.00 -7.26 18.35
CA ASP A 159 -0.77 -7.90 17.02
C ASP A 159 -1.61 -7.34 15.86
N VAL A 160 -2.92 -7.48 15.94
CA VAL A 160 -3.88 -6.86 15.03
C VAL A 160 -5.11 -6.56 15.86
N PRO A 161 -5.80 -5.47 15.55
CA PRO A 161 -7.06 -5.20 16.21
C PRO A 161 -7.99 -6.38 16.04
N SER A 162 -8.58 -6.81 17.15
CA SER A 162 -9.40 -8.01 17.11
C SER A 162 -10.56 -7.80 16.18
N GLY A 163 -10.76 -8.73 15.24
CA GLY A 163 -11.81 -8.56 14.25
C GLY A 163 -11.31 -8.30 12.83
N ILE A 164 -10.07 -7.88 12.71
CA ILE A 164 -9.47 -7.78 11.40
C ILE A 164 -8.83 -9.07 10.96
N ASP A 165 -9.18 -9.55 9.79
CA ASP A 165 -8.57 -10.75 9.22
C ASP A 165 -7.20 -10.38 8.76
N SER A 166 -6.19 -11.03 9.31
CA SER A 166 -4.85 -10.56 9.13
C SER A 166 -4.31 -10.82 7.72
N ASN A 167 -4.95 -11.69 6.94
CA ASN A 167 -4.55 -11.97 5.56
C ASN A 167 -5.13 -11.03 4.54
N THR A 168 -6.22 -10.34 4.86
CA THR A 168 -6.91 -9.54 3.84
C THR A 168 -7.18 -8.04 4.25
N GLY A 169 -7.28 -7.78 5.54
CA GLY A 169 -7.67 -6.47 6.04
C GLY A 169 -9.16 -6.29 6.19
N LYS A 170 -9.93 -7.36 5.96
CA LYS A 170 -11.36 -7.29 6.10
C LYS A 170 -11.82 -7.31 7.55
N VAL A 171 -12.96 -6.68 7.80
CA VAL A 171 -13.57 -6.70 9.13
C VAL A 171 -14.52 -7.90 9.21
N LEU A 172 -14.35 -8.75 10.21
CA LEU A 172 -15.22 -9.94 10.29
C LEU A 172 -16.36 -9.62 11.24
N ARG A 173 -17.43 -9.02 10.68
CA ARG A 173 -18.57 -8.45 11.39
C ARG A 173 -18.25 -7.18 12.15
N THR A 174 -17.35 -7.27 13.09
CA THR A 174 -16.96 -6.06 13.80
C THR A 174 -15.53 -6.23 14.21
N ALA A 175 -14.90 -5.10 14.54
CA ALA A 175 -13.47 -5.02 14.81
C ALA A 175 -13.16 -3.83 15.69
N VAL A 176 -12.08 -3.99 16.44
CA VAL A 176 -11.61 -2.97 17.33
C VAL A 176 -10.99 -1.85 16.53
N LYS A 177 -11.25 -0.62 16.94
CA LYS A 177 -10.54 0.50 16.39
C LYS A 177 -9.46 0.92 17.39
N ALA A 178 -8.19 0.79 17.00
CA ALA A 178 -7.06 1.03 17.91
C ALA A 178 -6.46 2.40 17.69
N ASP A 179 -5.92 2.98 18.74
CA ASP A 179 -5.02 4.13 18.60
C ASP A 179 -3.62 3.64 18.27
N LEU A 180 -3.29 2.43 18.75
CA LEU A 180 -1.93 1.91 18.58
C LEU A 180 -2.02 0.38 18.39
N THR A 181 -1.30 -0.16 17.42
CA THR A 181 -1.17 -1.58 17.23
C THR A 181 0.31 -1.92 17.30
N VAL A 182 0.64 -2.90 18.15
CA VAL A 182 1.98 -3.47 18.24
C VAL A 182 1.92 -4.86 17.61
N THR A 183 2.55 -5.03 16.47
CA THR A 183 2.60 -6.30 15.77
C THR A 183 4.01 -6.88 15.85
N PHE A 184 4.15 -8.17 15.59
CA PHE A 184 5.41 -8.84 15.92
C PHE A 184 6.07 -9.37 14.68
N GLY A 185 7.37 -9.10 14.55
CA GLY A 185 8.13 -9.58 13.41
C GLY A 185 8.00 -8.76 12.15
N VAL A 186 6.83 -8.82 11.52
CA VAL A 186 6.58 -8.10 10.28
C VAL A 186 5.14 -7.60 10.30
N PRO A 187 4.86 -6.51 9.59
CA PRO A 187 3.50 -6.09 9.33
C PRO A 187 2.71 -7.20 8.66
N LYS A 188 1.44 -7.30 9.02
CA LYS A 188 0.56 -8.24 8.40
C LYS A 188 -0.18 -7.51 7.29
N ILE A 189 -0.55 -8.26 6.26
CA ILE A 189 -1.36 -7.70 5.15
C ILE A 189 -2.58 -6.94 5.68
N GLY A 190 -3.21 -7.45 6.74
CA GLY A 190 -4.37 -6.78 7.33
C GLY A 190 -4.09 -5.41 7.98
N HIS A 191 -2.83 -5.11 8.28
CA HIS A 191 -2.44 -3.74 8.67
C HIS A 191 -2.30 -2.82 7.47
N ILE A 192 -2.11 -3.41 6.31
CA ILE A 192 -1.73 -2.68 5.10
C ILE A 192 -2.90 -2.35 4.18
N LEU A 193 -3.89 -3.25 4.11
CA LEU A 193 -5.03 -3.09 3.25
C LEU A 193 -6.18 -2.58 4.07
N PHE A 194 -7.06 -1.80 3.47
CA PHE A 194 -8.20 -1.20 4.21
C PHE A 194 -9.29 -2.22 4.16
N PRO A 195 -10.23 -2.20 5.11
CA PRO A 195 -10.37 -1.25 6.22
C PRO A 195 -9.36 -1.43 7.33
N GLY A 196 -8.76 -2.60 7.41
CA GLY A 196 -7.87 -2.91 8.52
C GLY A 196 -6.81 -1.87 8.75
N ARG A 197 -6.29 -1.29 7.69
CA ARG A 197 -5.26 -0.30 7.85
C ARG A 197 -5.77 0.84 8.70
N ASP A 198 -7.04 1.16 8.55
CA ASP A 198 -7.63 2.25 9.27
C ASP A 198 -7.81 1.88 10.73
N LEU A 199 -8.17 0.63 10.97
CA LEU A 199 -8.48 0.21 12.30
C LEU A 199 -7.21 0.00 13.15
N THR A 200 -6.08 -0.11 12.49
CA THR A 200 -4.80 -0.33 13.14
C THR A 200 -4.29 0.89 13.87
N GLY A 201 -4.63 2.09 13.39
CA GLY A 201 -4.10 3.28 14.03
C GLY A 201 -2.61 3.31 13.80
N LYS A 202 -1.86 3.84 14.75
CA LYS A 202 -0.41 3.92 14.59
C LYS A 202 0.21 2.52 14.76
N LEU A 203 1.01 2.08 13.80
CA LEU A 203 1.53 0.73 13.83
C LEU A 203 2.99 0.68 14.24
N LYS A 204 3.28 -0.05 15.34
CA LYS A 204 4.65 -0.41 15.68
C LYS A 204 4.94 -1.90 15.36
N VAL A 205 6.07 -2.13 14.70
CA VAL A 205 6.54 -3.49 14.39
C VAL A 205 7.67 -3.85 15.34
N ALA A 206 7.43 -4.84 16.20
CA ALA A 206 8.38 -5.19 17.22
C ALA A 206 9.21 -6.39 16.85
N ASN A 207 10.50 -6.28 17.13
CA ASN A 207 11.44 -7.38 17.04
C ASN A 207 11.28 -8.21 18.31
N ILE A 208 10.75 -9.42 18.19
CA ILE A 208 10.63 -10.35 19.36
C ILE A 208 11.61 -11.52 19.35
N GLY A 209 12.59 -11.48 18.45
CA GLY A 209 13.68 -12.47 18.47
C GLY A 209 13.71 -13.55 17.38
N HIS A 210 12.80 -13.48 16.40
CA HIS A 210 12.90 -14.29 15.17
C HIS A 210 14.26 -14.07 14.53
N PRO A 211 14.91 -15.11 14.01
CA PRO A 211 16.12 -14.80 13.30
C PRO A 211 15.85 -13.94 12.09
N VAL A 212 16.81 -13.09 11.80
CA VAL A 212 16.62 -12.08 10.79
C VAL A 212 16.39 -12.73 9.40
N HIS A 213 17.10 -13.80 9.08
CA HIS A 213 16.89 -14.50 7.79
C HIS A 213 15.43 -14.91 7.57
N LEU A 214 14.71 -15.23 8.64
CA LEU A 214 13.31 -15.58 8.49
C LEU A 214 12.46 -14.35 8.26
N ILE A 215 12.75 -13.27 8.98
CA ILE A 215 12.02 -12.06 8.80
C ILE A 215 12.14 -11.56 7.36
N ASN A 216 13.30 -11.78 6.74
CA ASN A 216 13.59 -11.24 5.40
C ASN A 216 13.08 -12.12 4.27
N SER A 217 12.80 -13.37 4.60
CA SER A 217 12.33 -14.33 3.62
C SER A 217 10.93 -14.03 3.08
N ILE A 218 10.22 -13.04 3.61
CA ILE A 218 8.81 -12.85 3.25
C ILE A 218 8.61 -12.16 1.90
N ASN A 219 7.70 -12.74 1.11
CA ASN A 219 7.48 -12.39 -0.30
C ASN A 219 6.83 -11.05 -0.56
N ARG A 220 6.14 -10.53 0.42
CA ARG A 220 5.48 -9.27 0.23
C ARG A 220 6.05 -8.21 1.15
N TYR A 221 6.36 -7.04 0.61
CA TYR A 221 6.85 -5.94 1.43
C TYR A 221 6.07 -4.66 1.30
N VAL A 222 6.06 -3.86 2.34
CA VAL A 222 5.64 -2.50 2.26
C VAL A 222 6.75 -1.69 1.63
N ILE A 223 6.44 -0.78 0.70
CA ILE A 223 7.49 0.05 0.08
C ILE A 223 7.96 1.11 1.07
N THR A 224 9.26 1.19 1.35
CA THR A 224 9.78 2.15 2.31
C THR A 224 10.68 3.18 1.66
N ARG A 225 10.89 4.21 2.46
CA ARG A 225 11.77 5.29 2.12
C ARG A 225 13.13 4.76 1.71
N GLU A 226 13.66 3.78 2.46
CA GLU A 226 15.01 3.26 2.23
C GLU A 226 15.07 2.48 0.94
N MET A 227 14.05 1.69 0.66
CA MET A 227 13.99 0.98 -0.60
C MET A 227 13.95 1.97 -1.78
N VAL A 228 13.16 3.02 -1.66
CA VAL A 228 13.03 3.96 -2.76
C VAL A 228 14.32 4.78 -2.94
N ARG A 229 14.93 5.21 -1.82
CA ARG A 229 16.25 5.85 -1.85
C ARG A 229 17.28 5.02 -2.58
N SER A 230 17.32 3.72 -2.35
CA SER A 230 18.33 2.91 -3.05
C SER A 230 18.01 2.67 -4.52
N LEU A 231 16.76 2.88 -4.92
CA LEU A 231 16.39 2.64 -6.29
C LEU A 231 16.51 3.87 -7.19
N LEU A 232 16.53 5.08 -6.63
CA LEU A 232 16.62 6.29 -7.43
C LEU A 232 17.82 6.24 -8.34
N PRO A 233 17.62 6.44 -9.63
CA PRO A 233 18.81 6.35 -10.50
C PRO A 233 19.89 7.40 -10.18
N GLU A 234 21.11 7.12 -10.57
CA GLU A 234 22.16 8.11 -10.39
C GLU A 234 22.12 9.22 -11.42
N ARG A 235 22.63 10.37 -11.02
CA ARG A 235 22.76 11.54 -11.84
C ARG A 235 24.25 11.83 -12.03
N PRO A 236 24.90 11.14 -12.97
CA PRO A 236 26.34 11.47 -13.17
C PRO A 236 26.51 12.93 -13.61
N ARG A 237 27.51 13.62 -13.09
CA ARG A 237 27.73 15.01 -13.47
C ARG A 237 27.91 15.24 -14.97
N ASP A 238 28.59 14.33 -15.64
CA ASP A 238 28.89 14.49 -17.04
C ASP A 238 27.80 13.77 -17.82
N SER A 239 26.72 14.45 -18.09
CA SER A 239 25.54 13.81 -18.61
C SER A 239 24.81 14.86 -19.40
N HIS A 240 23.79 14.44 -20.12
CA HIS A 240 23.00 15.35 -20.94
C HIS A 240 21.64 14.71 -21.11
N LYS A 241 20.72 15.35 -21.80
CA LYS A 241 19.38 14.83 -21.81
C LYS A 241 19.32 13.36 -22.26
N GLY A 242 20.11 12.98 -23.27
CA GLY A 242 20.19 11.57 -23.71
C GLY A 242 20.49 10.59 -22.57
N THR A 243 21.39 10.95 -21.64
CA THR A 243 21.64 10.09 -20.48
C THR A 243 20.39 9.67 -19.75
N TYR A 244 19.41 10.57 -19.64
CA TYR A 244 18.23 10.37 -18.80
C TYR A 244 16.97 9.89 -19.57
N GLY A 245 17.17 9.51 -20.84
CA GLY A 245 16.13 8.87 -21.65
C GLY A 245 15.04 9.77 -22.27
N LYS A 246 14.31 9.17 -23.18
CA LYS A 246 13.26 9.79 -23.93
C LYS A 246 11.95 8.99 -23.73
N VAL A 247 10.84 9.68 -23.56
CA VAL A 247 9.54 9.06 -23.40
C VAL A 247 8.65 9.61 -24.53
N LEU A 248 7.82 8.76 -25.14
CA LEU A 248 6.71 9.20 -25.99
C LEU A 248 5.46 8.93 -25.20
N ILE A 249 4.55 9.87 -25.10
CA ILE A 249 3.27 9.63 -24.50
C ILE A 249 2.21 9.87 -25.57
N ILE A 250 1.44 8.83 -25.84
CA ILE A 250 0.35 8.83 -26.82
C ILE A 250 -0.91 8.95 -26.00
N ALA A 251 -1.56 10.10 -26.12
CA ALA A 251 -2.59 10.46 -25.17
C ALA A 251 -3.48 11.53 -25.75
N GLY A 252 -4.60 11.74 -25.08
CA GLY A 252 -5.52 12.83 -25.35
C GLY A 252 -6.46 12.55 -26.50
N SER A 253 -7.39 13.46 -26.66
CA SER A 253 -8.45 13.37 -27.61
C SER A 253 -9.11 14.70 -27.48
N ARG A 254 -10.14 14.89 -28.27
CA ARG A 254 -10.87 16.13 -28.19
C ARG A 254 -11.72 16.23 -26.89
N LEU A 255 -12.03 15.11 -26.27
CA LEU A 255 -12.71 15.14 -25.01
C LEU A 255 -11.74 15.50 -23.92
N TYR A 256 -10.53 14.99 -23.98
CA TYR A 256 -9.56 15.16 -22.90
C TYR A 256 -8.30 15.80 -23.39
N SER A 257 -8.25 17.13 -23.33
CA SER A 257 -7.05 17.81 -23.83
C SER A 257 -6.00 17.97 -22.75
N GLY A 258 -6.37 17.82 -21.47
CA GLY A 258 -5.43 18.05 -20.36
C GLY A 258 -4.60 16.86 -19.90
N ALA A 259 -5.20 15.69 -19.90
CA ALA A 259 -4.50 14.49 -19.47
C ALA A 259 -3.06 14.39 -19.99
N PRO A 260 -2.82 14.64 -21.30
CA PRO A 260 -1.46 14.43 -21.80
C PRO A 260 -0.40 15.34 -21.14
N VAL A 261 -0.81 16.55 -20.80
CA VAL A 261 0.03 17.53 -20.15
C VAL A 261 0.46 17.02 -18.78
N LEU A 262 -0.49 16.48 -18.04
CA LEU A 262 -0.16 15.97 -16.72
C LEU A 262 0.78 14.74 -16.78
N SER A 263 0.60 13.86 -17.77
CA SER A 263 1.49 12.73 -17.93
C SER A 263 2.91 13.18 -18.33
N GLY A 264 2.98 14.09 -19.29
CA GLY A 264 4.27 14.56 -19.81
C GLY A 264 5.06 15.23 -18.69
N MET A 265 4.40 16.10 -17.92
CA MET A 265 5.05 16.73 -16.79
C MET A 265 5.45 15.79 -15.68
N GLY A 266 4.63 14.79 -15.47
CA GLY A 266 5.02 13.75 -14.57
C GLY A 266 6.35 13.11 -14.96
N SER A 267 6.52 12.84 -16.25
CA SER A 267 7.82 12.35 -16.71
C SER A 267 8.93 13.35 -16.47
N LEU A 268 8.73 14.61 -16.87
CA LEU A 268 9.82 15.56 -16.70
C LEU A 268 10.17 15.80 -15.22
N LYS A 269 9.18 15.89 -14.36
CA LYS A 269 9.46 16.24 -12.99
C LYS A 269 10.20 15.13 -12.22
N VAL A 270 10.22 13.87 -12.72
CA VAL A 270 11.03 12.83 -12.07
C VAL A 270 12.43 12.67 -12.72
N GLY A 271 12.75 13.50 -13.73
CA GLY A 271 14.11 13.65 -14.22
C GLY A 271 14.43 13.03 -15.56
N THR A 272 13.38 12.70 -16.32
CA THR A 272 13.53 12.25 -17.68
C THR A 272 14.11 13.33 -18.56
N GLY A 273 14.93 12.95 -19.50
CA GLY A 273 15.63 13.92 -20.33
C GLY A 273 14.83 14.58 -21.43
N LEU A 274 13.86 13.86 -21.95
CA LEU A 274 13.07 14.33 -23.08
C LEU A 274 11.71 13.64 -23.12
N VAL A 275 10.66 14.42 -23.22
CA VAL A 275 9.31 13.91 -23.31
C VAL A 275 8.62 14.45 -24.56
N LYS A 276 8.12 13.54 -25.42
CA LYS A 276 7.35 13.91 -26.58
C LYS A 276 5.94 13.40 -26.33
N LEU A 277 4.94 14.27 -26.46
CA LEU A 277 3.56 13.83 -26.49
C LEU A 277 3.09 13.70 -27.93
N ALA A 278 2.19 12.76 -28.21
CA ALA A 278 1.48 12.76 -29.46
C ALA A 278 0.02 12.85 -29.11
N VAL A 279 -0.64 13.90 -29.60
CA VAL A 279 -1.94 14.31 -29.21
C VAL A 279 -2.67 14.88 -30.46
N PRO A 280 -3.98 14.54 -30.64
CA PRO A 280 -4.72 15.11 -31.76
C PRO A 280 -4.69 16.64 -31.79
N PHE A 281 -4.42 17.17 -32.96
CA PHE A 281 -4.48 18.58 -33.23
C PHE A 281 -5.94 18.97 -33.11
N PRO A 282 -6.24 20.15 -32.52
CA PRO A 282 -5.39 21.20 -31.97
C PRO A 282 -5.12 21.04 -30.49
N GLN A 283 -5.57 19.94 -29.91
CA GLN A 283 -5.45 19.73 -28.47
C GLN A 283 -4.00 19.62 -28.09
N ASN A 284 -3.15 19.16 -29.00
CA ASN A 284 -1.73 19.11 -28.71
C ASN A 284 -1.17 20.48 -28.31
N LEU A 285 -1.71 21.55 -28.85
CA LEU A 285 -1.24 22.90 -28.51
C LEU A 285 -1.48 23.36 -27.06
N ILE A 286 -2.42 22.70 -26.39
CA ILE A 286 -2.71 23.00 -25.02
C ILE A 286 -1.47 22.75 -24.13
N ALA A 287 -0.73 21.70 -24.42
CA ALA A 287 0.39 21.28 -23.58
C ALA A 287 1.50 22.31 -23.52
N THR A 288 1.87 22.85 -24.66
CA THR A 288 3.02 23.75 -24.69
C THR A 288 2.64 25.13 -24.25
N SER A 289 1.36 25.45 -24.28
CA SER A 289 0.93 26.71 -23.76
C SER A 289 0.99 26.69 -22.23
N ARG A 290 0.89 25.55 -21.62
CA ARG A 290 1.08 25.52 -20.16
C ARG A 290 2.56 25.30 -19.79
N PHE A 291 3.19 24.34 -20.46
CA PHE A 291 4.55 23.99 -20.23
C PHE A 291 5.33 23.87 -21.53
N PRO A 292 5.99 24.95 -21.92
CA PRO A 292 6.69 25.04 -23.19
C PRO A 292 7.84 24.05 -23.32
N GLU A 293 8.30 23.52 -22.20
CA GLU A 293 9.36 22.54 -22.18
C GLU A 293 8.93 21.27 -22.89
N LEU A 294 7.66 20.92 -22.77
CA LEU A 294 7.15 19.75 -23.43
C LEU A 294 7.19 19.89 -24.93
N ILE A 295 7.37 18.77 -25.61
CA ILE A 295 7.22 18.71 -27.06
C ILE A 295 5.85 18.05 -27.28
N SER A 296 5.00 18.65 -28.07
CA SER A 296 3.67 18.07 -28.29
C SER A 296 3.36 17.98 -29.78
N VAL A 297 3.39 16.77 -30.32
CA VAL A 297 3.26 16.53 -31.74
C VAL A 297 1.78 16.51 -32.13
N PRO A 298 1.39 17.33 -33.12
CA PRO A 298 -0.02 17.30 -33.54
C PRO A 298 -0.26 16.03 -34.39
N ILE A 299 -1.26 15.25 -34.03
CA ILE A 299 -1.58 14.08 -34.79
C ILE A 299 -2.86 14.43 -35.56
N ASP A 300 -2.81 14.26 -36.86
CA ASP A 300 -4.00 14.59 -37.65
C ASP A 300 -5.02 13.46 -37.59
N THR A 301 -6.19 13.74 -37.04
CA THR A 301 -7.23 12.74 -36.85
C THR A 301 -8.55 13.17 -37.55
N GLU A 302 -9.38 12.19 -37.90
CA GLU A 302 -10.66 12.48 -38.60
C GLU A 302 -11.70 13.12 -37.67
N LYS A 303 -11.86 12.55 -36.46
CA LYS A 303 -12.93 12.98 -35.52
C LYS A 303 -12.44 13.41 -34.12
N GLY A 304 -11.13 13.56 -33.92
CA GLY A 304 -10.61 14.05 -32.64
C GLY A 304 -10.10 12.92 -31.78
N PHE A 305 -9.97 11.74 -32.39
CA PHE A 305 -9.48 10.57 -31.67
C PHE A 305 -8.49 9.80 -32.50
N PHE A 306 -7.47 9.29 -31.82
CA PHE A 306 -6.58 8.36 -32.47
C PHE A 306 -7.36 7.25 -33.17
N SER A 307 -6.89 6.83 -34.35
CA SER A 307 -7.42 5.64 -35.01
C SER A 307 -6.33 4.86 -35.76
N LEU A 308 -6.70 3.86 -36.54
CA LEU A 308 -5.71 3.16 -37.36
C LEU A 308 -4.95 4.04 -38.35
N GLN A 309 -5.54 5.12 -38.83
CA GLN A 309 -4.80 5.97 -39.76
C GLN A 309 -3.55 6.63 -39.09
N ASN A 310 -3.56 6.67 -37.77
CA ASN A 310 -2.42 7.20 -37.08
C ASN A 310 -1.39 6.18 -36.65
N LEU A 311 -1.59 4.90 -36.95
CA LEU A 311 -0.70 3.86 -36.45
C LEU A 311 0.75 4.02 -36.89
N GLN A 312 0.96 4.32 -38.15
CA GLN A 312 2.30 4.35 -38.66
C GLN A 312 3.03 5.60 -38.18
N GLU A 313 2.34 6.72 -38.13
CA GLU A 313 2.99 7.90 -37.59
C GLU A 313 3.51 7.60 -36.13
N CYS A 314 2.73 6.89 -35.33
CA CYS A 314 3.09 6.65 -33.95
C CYS A 314 4.23 5.66 -33.81
N LEU A 315 4.25 4.60 -34.63
CA LEU A 315 5.33 3.65 -34.57
C LEU A 315 6.56 4.39 -34.96
N GLU A 316 6.45 5.31 -35.91
CA GLU A 316 7.63 6.06 -36.34
C GLU A 316 8.22 6.93 -35.19
N LEU A 317 7.36 7.70 -34.55
CA LEU A 317 7.72 8.49 -33.38
C LEU A 317 8.31 7.59 -32.26
N SER A 318 7.88 6.36 -32.15
CA SER A 318 8.39 5.49 -31.12
C SER A 318 9.81 4.93 -31.38
N LYS A 319 10.27 4.98 -32.63
CA LYS A 319 11.57 4.37 -33.01
C LYS A 319 12.81 4.78 -32.19
N ASP A 320 12.94 6.03 -31.79
CA ASP A 320 14.10 6.41 -30.98
C ASP A 320 13.60 7.17 -29.75
N VAL A 321 12.77 6.45 -28.98
CA VAL A 321 12.48 6.72 -27.62
C VAL A 321 12.73 5.43 -26.85
N ASP A 322 12.78 5.57 -25.52
CA ASP A 322 13.10 4.45 -24.65
C ASP A 322 11.86 3.74 -24.15
N VAL A 323 10.77 4.45 -24.02
CA VAL A 323 9.55 3.90 -23.41
C VAL A 323 8.39 4.64 -24.07
N VAL A 324 7.25 3.96 -24.15
CA VAL A 324 6.05 4.60 -24.63
C VAL A 324 4.97 4.46 -23.59
N ALA A 325 4.39 5.57 -23.15
CA ALA A 325 3.15 5.51 -22.35
C ALA A 325 1.94 5.77 -23.28
N ILE A 326 0.87 5.07 -23.08
CA ILE A 326 -0.32 5.20 -23.89
C ILE A 326 -1.57 5.09 -23.03
N GLY A 327 -2.60 5.92 -23.30
CA GLY A 327 -3.91 5.77 -22.67
C GLY A 327 -4.64 6.94 -22.06
N PRO A 328 -3.95 7.80 -21.32
CA PRO A 328 -4.60 8.88 -20.63
C PRO A 328 -5.36 9.74 -21.63
N GLY A 329 -6.63 9.89 -21.34
CA GLY A 329 -7.53 10.66 -22.16
C GLY A 329 -7.67 10.30 -23.64
N LEU A 330 -7.39 9.05 -24.01
CA LEU A 330 -7.61 8.60 -25.41
C LEU A 330 -9.08 8.55 -25.81
N GLY A 331 -9.97 8.28 -24.85
CA GLY A 331 -11.38 7.96 -25.14
C GLY A 331 -11.50 6.46 -25.37
N ASN A 332 -12.66 5.95 -25.07
CA ASN A 332 -12.97 4.54 -25.27
C ASN A 332 -14.06 4.38 -26.37
N ASN A 333 -13.62 4.05 -27.58
CA ASN A 333 -14.48 3.75 -28.75
C ASN A 333 -13.69 2.81 -29.67
N GLU A 334 -14.33 2.33 -30.72
CA GLU A 334 -13.75 1.29 -31.56
C GLU A 334 -12.51 1.70 -32.35
N HIS A 335 -12.44 2.95 -32.80
CA HIS A 335 -11.22 3.40 -33.50
C HIS A 335 -10.01 3.38 -32.55
N VAL A 336 -10.20 3.91 -31.34
CA VAL A 336 -9.16 3.82 -30.30
C VAL A 336 -8.79 2.37 -30.01
N ARG A 337 -9.79 1.50 -29.86
CA ARG A 337 -9.53 0.05 -29.63
C ARG A 337 -8.62 -0.60 -30.68
N GLU A 338 -8.92 -0.34 -31.96
CA GLU A 338 -8.16 -0.88 -33.10
C GLU A 338 -6.74 -0.38 -33.06
N PHE A 339 -6.62 0.93 -33.01
CA PHE A 339 -5.34 1.58 -32.92
C PHE A 339 -4.49 1.06 -31.73
N VAL A 340 -5.02 1.08 -30.51
CA VAL A 340 -4.22 0.65 -29.33
C VAL A 340 -3.67 -0.79 -29.44
N ASN A 341 -4.51 -1.71 -29.88
CA ASN A 341 -4.12 -3.13 -29.95
C ASN A 341 -3.13 -3.39 -31.09
N GLU A 342 -3.34 -2.80 -32.26
CA GLU A 342 -2.33 -2.91 -33.32
C GLU A 342 -1.00 -2.24 -32.93
N PHE A 343 -1.07 -1.09 -32.29
CA PHE A 343 0.13 -0.41 -31.86
C PHE A 343 0.94 -1.28 -30.89
N LEU A 344 0.32 -1.66 -29.79
CA LEU A 344 0.97 -2.46 -28.76
C LEU A 344 1.48 -3.83 -29.30
N LYS A 345 0.76 -4.41 -30.26
CA LYS A 345 1.18 -5.66 -30.89
C LYS A 345 2.49 -5.49 -31.68
N THR A 346 2.71 -4.32 -32.25
CA THR A 346 3.88 -4.06 -33.08
C THR A 346 5.00 -3.28 -32.36
N LEU A 347 4.65 -2.43 -31.42
CA LEU A 347 5.66 -1.69 -30.70
C LEU A 347 6.60 -2.62 -29.94
N GLU A 348 7.89 -2.49 -30.20
CA GLU A 348 8.90 -3.29 -29.52
C GLU A 348 9.75 -2.37 -28.66
N LYS A 349 9.07 -1.73 -27.71
CA LYS A 349 9.64 -0.93 -26.66
C LYS A 349 8.84 -1.26 -25.40
N PRO A 350 9.41 -1.00 -24.22
CA PRO A 350 8.59 -1.10 -23.01
C PRO A 350 7.39 -0.18 -23.09
N ALA A 351 6.23 -0.62 -22.63
CA ALA A 351 4.98 0.15 -22.73
C ALA A 351 4.45 0.39 -21.33
N VAL A 352 3.95 1.60 -21.04
CA VAL A 352 3.16 1.82 -19.83
C VAL A 352 1.72 2.00 -20.31
N ILE A 353 0.85 1.04 -19.97
CA ILE A 353 -0.53 0.98 -20.49
C ILE A 353 -1.47 1.42 -19.39
N ASP A 354 -2.13 2.55 -19.64
CA ASP A 354 -2.98 3.22 -18.67
C ASP A 354 -4.36 3.54 -19.22
N ALA A 355 -5.29 3.69 -18.29
CA ALA A 355 -6.50 4.44 -18.52
C ALA A 355 -7.30 3.87 -19.69
N ASP A 356 -7.66 4.70 -20.67
CA ASP A 356 -8.45 4.23 -21.80
C ASP A 356 -7.73 3.21 -22.67
N ALA A 357 -6.39 3.13 -22.64
CA ALA A 357 -5.71 2.06 -23.34
C ALA A 357 -5.99 0.74 -22.63
N ILE A 358 -6.23 0.80 -21.30
CA ILE A 358 -6.62 -0.43 -20.58
C ILE A 358 -8.07 -0.79 -20.93
N ASN A 359 -8.95 0.20 -20.94
CA ASN A 359 -10.36 -0.02 -21.25
C ASN A 359 -10.64 -0.70 -22.63
N VAL A 360 -9.74 -0.51 -23.61
CA VAL A 360 -9.88 -1.18 -24.89
C VAL A 360 -8.96 -2.40 -25.08
N LEU A 361 -8.14 -2.74 -24.08
CA LEU A 361 -7.01 -3.61 -24.33
C LEU A 361 -7.50 -4.99 -24.57
N ASP A 362 -6.85 -5.70 -25.44
CA ASP A 362 -7.09 -7.12 -25.60
C ASP A 362 -5.87 -7.81 -25.02
N THR A 363 -6.10 -8.58 -23.97
CA THR A 363 -5.00 -9.10 -23.16
C THR A 363 -4.16 -10.15 -23.91
N SER A 364 -4.71 -10.77 -24.96
CA SER A 364 -3.90 -11.66 -25.82
C SER A 364 -2.69 -10.90 -26.34
N VAL A 365 -2.87 -9.61 -26.56
CA VAL A 365 -1.82 -8.81 -27.09
C VAL A 365 -0.59 -8.74 -26.16
N LEU A 366 -0.83 -8.74 -24.85
CA LEU A 366 0.26 -8.72 -23.84
C LEU A 366 1.06 -9.98 -23.78
N LYS A 367 0.43 -11.09 -24.14
CA LYS A 367 1.10 -12.38 -24.18
C LYS A 367 1.98 -12.43 -25.41
N GLU A 368 1.53 -11.91 -26.55
CA GLU A 368 2.33 -12.03 -27.78
C GLU A 368 3.41 -10.95 -27.88
N ARG A 369 3.51 -10.10 -26.84
CA ARG A 369 4.50 -9.03 -26.82
C ARG A 369 5.81 -9.56 -26.28
N LYS A 370 6.91 -9.25 -26.98
CA LYS A 370 8.29 -9.59 -26.55
C LYS A 370 8.83 -8.54 -25.57
N SER A 371 8.59 -7.25 -25.87
CA SER A 371 8.96 -6.18 -24.94
C SER A 371 8.04 -6.12 -23.68
N PRO A 372 8.52 -5.49 -22.61
CA PRO A 372 7.78 -5.46 -21.35
C PRO A 372 6.63 -4.47 -21.28
N ALA A 373 5.79 -4.58 -20.25
CA ALA A 373 4.66 -3.68 -20.08
C ALA A 373 4.38 -3.51 -18.59
N VAL A 374 3.91 -2.31 -18.21
CA VAL A 374 3.32 -2.07 -16.91
C VAL A 374 1.89 -1.64 -17.17
N LEU A 375 0.95 -2.21 -16.47
CA LEU A 375 -0.43 -1.78 -16.54
C LEU A 375 -0.76 -1.07 -15.25
N THR A 376 -1.45 0.08 -15.37
CA THR A 376 -1.81 0.90 -14.23
C THR A 376 -3.31 1.16 -14.03
N PRO A 377 -4.11 0.12 -13.77
CA PRO A 377 -5.53 0.29 -13.54
C PRO A 377 -5.90 0.72 -12.12
N HIS A 378 -6.92 1.58 -12.00
CA HIS A 378 -7.72 1.64 -10.78
C HIS A 378 -8.70 0.43 -10.77
N PRO A 379 -9.32 0.13 -9.62
CA PRO A 379 -10.18 -1.08 -9.56
C PRO A 379 -11.28 -1.12 -10.62
N GLY A 380 -11.74 0.05 -11.04
CA GLY A 380 -12.82 0.10 -12.00
C GLY A 380 -12.36 -0.41 -13.36
N GLU A 381 -11.13 -0.09 -13.74
CA GLU A 381 -10.56 -0.59 -14.99
C GLU A 381 -10.08 -2.04 -14.85
N MET A 382 -9.53 -2.43 -13.71
CA MET A 382 -9.20 -3.85 -13.46
C MET A 382 -10.42 -4.72 -13.55
N ALA A 383 -11.51 -4.34 -12.88
CA ALA A 383 -12.76 -5.09 -12.92
C ALA A 383 -13.12 -5.35 -14.38
N ARG A 384 -13.21 -4.29 -15.17
CA ARG A 384 -13.53 -4.45 -16.60
C ARG A 384 -12.51 -5.30 -17.32
N LEU A 385 -11.24 -5.11 -17.00
CA LEU A 385 -10.22 -5.84 -17.70
C LEU A 385 -10.36 -7.38 -17.51
N VAL A 386 -10.55 -7.88 -16.27
CA VAL A 386 -10.67 -9.33 -16.01
C VAL A 386 -12.19 -9.77 -15.95
N LYS A 387 -13.11 -8.86 -16.26
CA LYS A 387 -14.56 -9.19 -16.26
C LYS A 387 -15.03 -9.76 -14.90
N LYS A 388 -14.80 -8.94 -13.87
CA LYS A 388 -15.24 -9.22 -12.52
C LYS A 388 -15.85 -7.93 -11.88
N THR A 389 -16.43 -8.02 -10.69
CA THR A 389 -16.93 -6.81 -10.01
C THR A 389 -15.75 -6.07 -9.38
N VAL A 390 -15.96 -4.76 -9.17
CA VAL A 390 -15.05 -3.89 -8.43
C VAL A 390 -14.74 -4.52 -7.11
N GLY A 391 -15.76 -4.97 -6.39
CA GLY A 391 -15.66 -5.69 -5.10
C GLY A 391 -14.80 -6.94 -5.16
N ASP A 392 -14.84 -7.68 -6.25
CA ASP A 392 -14.00 -8.86 -6.37
C ASP A 392 -12.51 -8.51 -6.51
N VAL A 393 -12.18 -7.38 -7.13
CA VAL A 393 -10.76 -7.06 -7.44
C VAL A 393 -10.16 -6.07 -6.43
N LYS A 394 -10.96 -5.29 -5.72
CA LYS A 394 -10.40 -4.26 -4.89
C LYS A 394 -9.49 -4.91 -3.84
N TYR A 395 -8.23 -4.50 -3.81
CA TYR A 395 -7.29 -4.99 -2.79
C TYR A 395 -7.03 -6.49 -2.90
N ASN A 396 -7.33 -7.07 -4.07
CA ASN A 396 -7.17 -8.51 -4.23
C ASN A 396 -5.79 -8.77 -4.78
N TYR A 397 -4.81 -8.80 -3.89
CA TYR A 397 -3.41 -8.99 -4.29
C TYR A 397 -3.11 -10.33 -4.94
N GLU A 398 -3.77 -11.42 -4.52
CA GLU A 398 -3.54 -12.68 -5.24
C GLU A 398 -4.02 -12.63 -6.71
N LEU A 399 -5.12 -11.90 -6.96
CA LEU A 399 -5.64 -11.78 -8.31
C LEU A 399 -4.66 -10.99 -9.15
N ALA A 400 -4.15 -9.89 -8.59
CA ALA A 400 -3.17 -9.11 -9.29
C ALA A 400 -1.91 -9.93 -9.60
N GLU A 401 -1.46 -10.69 -8.60
CA GLU A 401 -0.34 -11.61 -8.78
C GLU A 401 -0.56 -12.55 -9.95
N GLU A 402 -1.68 -13.27 -9.97
CA GLU A 402 -2.02 -14.16 -11.07
C GLU A 402 -2.04 -13.44 -12.41
N PHE A 403 -2.59 -12.23 -12.45
CA PHE A 403 -2.65 -11.52 -13.71
C PHE A 403 -1.25 -11.09 -14.20
N ALA A 404 -0.39 -10.61 -13.29
CA ALA A 404 0.94 -10.15 -13.69
C ALA A 404 1.70 -11.33 -14.30
N LYS A 405 1.55 -12.49 -13.66
CA LYS A 405 2.27 -13.70 -14.04
C LYS A 405 1.76 -14.27 -15.38
N GLU A 406 0.44 -14.37 -15.56
CA GLU A 406 -0.17 -14.84 -16.83
C GLU A 406 0.24 -14.01 -18.04
N ASN A 407 0.38 -12.69 -17.86
CA ASN A 407 0.55 -11.79 -18.98
C ASN A 407 1.96 -11.19 -19.09
N ASP A 408 2.88 -11.70 -18.28
CA ASP A 408 4.29 -11.25 -18.33
C ASP A 408 4.37 -9.75 -18.24
N CYS A 409 3.85 -9.19 -17.15
CA CYS A 409 3.82 -7.76 -16.96
C CYS A 409 3.88 -7.36 -15.48
N VAL A 410 4.02 -6.06 -15.24
CA VAL A 410 3.88 -5.47 -13.90
C VAL A 410 2.52 -4.85 -13.89
N LEU A 411 1.80 -5.14 -12.83
CA LEU A 411 0.48 -4.61 -12.62
C LEU A 411 0.57 -3.72 -11.43
N VAL A 412 0.13 -2.49 -11.62
CA VAL A 412 0.06 -1.52 -10.56
C VAL A 412 -1.40 -1.25 -10.33
N LEU A 413 -1.99 -1.85 -9.30
CA LEU A 413 -3.42 -1.67 -9.02
C LEU A 413 -3.62 -0.55 -8.02
N LYS A 414 -4.20 0.56 -8.50
CA LYS A 414 -4.19 1.80 -7.73
C LYS A 414 -5.39 2.01 -6.74
N SER A 415 -5.10 2.46 -5.52
CA SER A 415 -6.07 2.64 -4.47
C SER A 415 -5.29 3.24 -3.30
N ALA A 416 -5.97 3.54 -2.21
CA ALA A 416 -5.33 4.21 -1.10
C ALA A 416 -4.05 3.45 -0.70
N THR A 417 -4.11 2.12 -0.78
CA THR A 417 -2.94 1.27 -0.76
C THR A 417 -2.83 0.68 -2.13
N THR A 418 -1.73 0.96 -2.80
CA THR A 418 -1.53 0.48 -4.15
C THR A 418 -0.69 -0.78 -4.06
N ILE A 419 -1.08 -1.74 -4.89
CA ILE A 419 -0.37 -2.99 -5.03
C ILE A 419 0.49 -2.92 -6.29
N VAL A 420 1.76 -3.23 -6.18
CA VAL A 420 2.63 -3.30 -7.35
C VAL A 420 3.10 -4.75 -7.37
N THR A 421 2.86 -5.51 -8.43
CA THR A 421 3.36 -6.86 -8.46
C THR A 421 3.80 -7.28 -9.86
N ASP A 422 4.73 -8.22 -9.91
CA ASP A 422 5.08 -8.85 -11.15
C ASP A 422 4.79 -10.34 -11.15
N GLY A 423 4.04 -10.80 -10.15
CA GLY A 423 3.70 -12.21 -10.07
C GLY A 423 4.62 -12.98 -9.12
N GLU A 424 5.77 -12.41 -8.78
CA GLU A 424 6.75 -13.09 -7.90
C GLU A 424 6.91 -12.23 -6.68
N LYS A 425 7.18 -10.95 -6.92
CA LYS A 425 7.38 -9.97 -5.88
C LYS A 425 6.12 -9.06 -5.87
N THR A 426 5.55 -8.86 -4.69
CA THR A 426 4.44 -7.97 -4.50
C THR A 426 4.80 -6.92 -3.46
N LEU A 427 4.60 -5.63 -3.82
CA LEU A 427 4.89 -4.51 -2.93
C LEU A 427 3.65 -3.67 -2.67
N PHE A 428 3.49 -3.21 -1.43
CA PHE A 428 2.37 -2.37 -1.07
C PHE A 428 2.80 -0.94 -0.78
N ASN A 429 2.07 0.03 -1.38
CA ASN A 429 2.35 1.43 -1.13
C ASN A 429 1.38 2.07 -0.19
N ILE A 430 1.90 2.80 0.80
CA ILE A 430 1.05 3.35 1.84
C ILE A 430 1.23 4.88 2.00
N THR A 431 1.94 5.54 1.08
CA THR A 431 2.00 6.98 1.08
C THR A 431 0.79 7.54 0.37
N GLY A 432 0.55 8.85 0.53
CA GLY A 432 -0.57 9.50 -0.20
C GLY A 432 -1.71 9.88 0.75
N ASN A 433 -2.73 10.54 0.18
CA ASN A 433 -3.86 10.95 0.99
C ASN A 433 -5.00 11.27 0.04
N THR A 434 -6.12 11.78 0.56
CA THR A 434 -7.33 11.94 -0.27
C THR A 434 -7.21 13.09 -1.26
N GLY A 435 -6.12 13.83 -1.21
CA GLY A 435 -5.97 14.88 -2.23
C GLY A 435 -5.73 14.26 -3.59
N LEU A 436 -5.30 12.99 -3.64
CA LEU A 436 -5.06 12.30 -4.87
C LEU A 436 -6.38 11.71 -5.43
N SER A 437 -7.43 11.74 -4.60
CA SER A 437 -8.77 11.30 -5.01
C SER A 437 -9.46 12.33 -5.82
N LYS A 438 -8.88 12.63 -6.97
CA LYS A 438 -9.35 13.76 -7.79
C LYS A 438 -8.67 13.62 -9.12
N GLY A 439 -9.44 13.77 -10.20
CA GLY A 439 -8.96 13.44 -11.54
C GLY A 439 -7.64 14.12 -11.91
N GLY A 440 -6.77 13.38 -12.55
CA GLY A 440 -5.51 13.94 -13.00
C GLY A 440 -4.36 13.28 -12.31
N SER A 441 -4.60 12.77 -11.11
CA SER A 441 -3.53 12.27 -10.29
C SER A 441 -2.92 11.00 -10.86
N GLY A 442 -3.76 10.20 -11.50
CA GLY A 442 -3.30 9.00 -12.18
C GLY A 442 -2.56 9.32 -13.45
N ASP A 443 -3.00 10.36 -14.13
CA ASP A 443 -2.35 10.69 -15.37
C ASP A 443 -0.89 11.12 -15.07
N VAL A 444 -0.68 11.77 -13.95
CA VAL A 444 0.64 12.13 -13.50
C VAL A 444 1.46 10.88 -13.19
N LEU A 445 0.87 9.94 -12.45
CA LEU A 445 1.59 8.72 -12.14
C LEU A 445 2.15 8.00 -13.38
N THR A 446 1.33 7.89 -14.41
CA THR A 446 1.77 7.21 -15.63
C THR A 446 3.05 7.80 -16.20
N GLY A 447 3.08 9.12 -16.30
CA GLY A 447 4.28 9.79 -16.72
C GLY A 447 5.48 9.51 -15.81
N MET A 448 5.25 9.49 -14.51
CA MET A 448 6.34 9.21 -13.56
C MET A 448 6.94 7.82 -13.81
N ILE A 449 6.10 6.80 -13.99
CA ILE A 449 6.59 5.46 -14.21
C ILE A 449 7.40 5.35 -15.52
N ALA A 450 6.89 5.99 -16.59
CA ALA A 450 7.48 5.93 -17.94
C ALA A 450 8.84 6.59 -17.82
N GLY A 451 8.87 7.66 -17.04
CA GLY A 451 10.11 8.41 -16.87
C GLY A 451 11.23 7.62 -16.19
N PHE A 452 10.90 6.92 -15.10
CA PHE A 452 11.84 6.12 -14.43
C PHE A 452 12.29 4.94 -15.28
N ILE A 453 11.41 4.41 -16.13
CA ILE A 453 11.87 3.36 -17.08
C ILE A 453 12.85 3.96 -18.09
N ALA A 454 12.53 5.16 -18.55
CA ALA A 454 13.39 5.82 -19.50
C ALA A 454 14.80 6.01 -18.89
N GLN A 455 14.90 6.16 -17.58
CA GLN A 455 16.16 6.46 -16.94
C GLN A 455 16.89 5.17 -16.61
N GLY A 456 16.28 4.03 -16.84
CA GLY A 456 16.94 2.77 -16.65
C GLY A 456 16.42 1.90 -15.52
N LEU A 457 15.38 2.29 -14.79
CA LEU A 457 14.86 1.35 -13.80
C LEU A 457 14.02 0.28 -14.54
N SER A 458 13.99 -0.92 -14.00
CA SER A 458 13.16 -1.97 -14.55
C SER A 458 11.74 -1.45 -14.39
N PRO A 459 10.77 -1.98 -15.17
CA PRO A 459 9.33 -1.75 -14.92
C PRO A 459 8.88 -1.85 -13.47
N LEU A 460 9.26 -2.91 -12.78
CA LEU A 460 8.82 -3.10 -11.41
C LEU A 460 9.45 -2.03 -10.50
N GLU A 461 10.69 -1.71 -10.77
CA GLU A 461 11.40 -0.73 -9.93
C GLU A 461 10.82 0.70 -10.16
N ALA A 462 10.59 0.99 -11.43
CA ALA A 462 10.02 2.30 -11.85
C ALA A 462 8.69 2.47 -11.20
N SER A 463 7.92 1.37 -11.11
CA SER A 463 6.57 1.47 -10.57
C SER A 463 6.62 1.66 -9.02
N THR A 464 7.53 0.94 -8.37
CA THR A 464 7.71 1.02 -6.91
C THR A 464 8.11 2.42 -6.47
N VAL A 465 9.06 2.99 -7.18
CA VAL A 465 9.57 4.32 -6.89
C VAL A 465 8.47 5.36 -7.15
N SER A 466 7.77 5.20 -8.27
CA SER A 466 6.76 6.15 -8.65
C SER A 466 5.58 6.20 -7.69
N VAL A 467 5.01 5.04 -7.33
CA VAL A 467 3.84 5.05 -6.45
C VAL A 467 4.23 5.70 -5.14
N TYR A 468 5.40 5.37 -4.64
CA TYR A 468 5.87 5.94 -3.37
C TYR A 468 6.00 7.47 -3.45
N LEU A 469 6.77 7.95 -4.42
CA LEU A 469 7.05 9.38 -4.55
C LEU A 469 5.78 10.17 -4.85
N HIS A 470 4.89 9.58 -5.61
CA HIS A 470 3.62 10.23 -5.98
C HIS A 470 2.78 10.46 -4.74
N GLY A 471 2.73 9.50 -3.86
CA GLY A 471 1.95 9.69 -2.60
C GLY A 471 2.64 10.62 -1.65
N PHE A 472 3.95 10.55 -1.61
CA PHE A 472 4.70 11.42 -0.70
C PHE A 472 4.55 12.88 -1.17
N ALA A 473 4.58 13.14 -2.46
CA ALA A 473 4.37 14.52 -2.95
C ALA A 473 2.99 15.06 -2.49
N ALA A 474 1.97 14.25 -2.52
CA ALA A 474 0.67 14.71 -2.10
C ALA A 474 0.72 15.12 -0.61
N GLU A 475 1.47 14.40 0.21
CA GLU A 475 1.48 14.63 1.64
C GLU A 475 2.26 15.88 1.91
N LEU A 476 3.06 16.34 0.98
CA LEU A 476 3.85 17.54 1.26
C LEU A 476 3.05 18.82 0.98
N PHE A 477 1.85 18.70 0.44
CA PHE A 477 1.02 19.87 0.20
C PHE A 477 0.78 20.64 1.49
N GLU A 478 1.06 21.92 1.42
CA GLU A 478 0.99 22.84 2.52
C GLU A 478 -0.41 23.09 3.10
N GLN A 479 -1.43 23.05 2.27
CA GLN A 479 -2.81 23.43 2.70
C GLN A 479 -3.71 22.19 2.87
N ASP A 480 -5.03 22.31 3.01
CA ASP A 480 -5.83 21.11 3.20
C ASP A 480 -5.81 20.20 1.97
N GLU A 481 -5.72 18.92 2.23
CA GLU A 481 -5.42 17.94 1.20
C GLU A 481 -6.51 17.92 0.18
N ARG A 482 -7.73 18.22 0.61
CA ARG A 482 -8.82 18.09 -0.27
C ARG A 482 -8.74 19.12 -1.42
N GLY A 483 -8.02 20.22 -1.20
CA GLY A 483 -7.85 21.22 -2.21
C GLY A 483 -6.72 20.96 -3.17
N LEU A 484 -5.96 19.88 -2.98
CA LEU A 484 -4.86 19.55 -3.87
C LEU A 484 -5.35 19.19 -5.24
N THR A 485 -4.70 19.71 -6.27
CA THR A 485 -5.01 19.37 -7.65
C THR A 485 -3.72 18.86 -8.31
N ALA A 486 -3.85 18.23 -9.48
CA ALA A 486 -2.74 17.57 -10.15
C ALA A 486 -1.56 18.49 -10.55
N SER A 487 -1.86 19.72 -10.89
CA SER A 487 -0.88 20.75 -11.19
C SER A 487 -0.05 21.10 -9.99
N GLU A 488 -0.66 21.20 -8.84
CA GLU A 488 0.08 21.41 -7.66
C GLU A 488 0.94 20.20 -7.31
N LEU A 489 0.39 19.01 -7.51
CA LEU A 489 1.13 17.80 -7.25
C LEU A 489 2.42 17.71 -8.05
N LEU A 490 2.36 18.11 -9.31
CA LEU A 490 3.55 18.14 -10.14
C LEU A 490 4.66 18.97 -9.53
N ARG A 491 4.27 20.12 -9.02
CA ARG A 491 5.22 21.04 -8.36
C ARG A 491 5.83 20.41 -7.09
N LEU A 492 5.11 19.53 -6.40
CA LEU A 492 5.61 18.95 -5.17
C LEU A 492 6.57 17.80 -5.42
N ILE A 493 6.50 17.18 -6.59
CA ILE A 493 7.33 16.02 -6.89
C ILE A 493 8.87 16.22 -6.60
N PRO A 494 9.51 17.27 -7.11
CA PRO A 494 10.92 17.37 -6.81
C PRO A 494 11.22 17.65 -5.32
N GLU A 495 10.23 18.16 -4.58
CA GLU A 495 10.42 18.29 -3.16
C GLU A 495 10.40 16.90 -2.50
N ALA A 496 9.48 16.05 -2.94
CA ALA A 496 9.45 14.72 -2.47
C ALA A 496 10.83 14.06 -2.72
N ILE A 497 11.40 14.27 -3.90
CA ILE A 497 12.64 13.61 -4.20
C ILE A 497 13.69 14.14 -3.26
N ARG A 498 13.71 15.45 -3.03
CA ARG A 498 14.76 15.98 -2.20
C ARG A 498 14.64 15.40 -0.80
N ARG A 499 13.42 15.32 -0.28
CA ARG A 499 13.22 14.88 1.11
C ARG A 499 13.54 13.42 1.23
N LEU A 500 13.36 12.68 0.17
CA LEU A 500 13.80 11.34 0.13
C LEU A 500 15.29 11.12 0.41
N LYS A 501 16.14 12.09 0.12
CA LYS A 501 17.60 12.00 0.44
C LYS A 501 18.03 13.05 1.48
N ALA B 1 18.42 4.34 17.30
CA ALA B 1 17.18 4.08 18.12
C ALA B 1 16.13 3.15 17.36
N ALA B 2 16.54 1.97 16.87
CA ALA B 2 15.70 1.14 15.98
C ALA B 2 15.72 -0.41 16.23
N TRP B 3 16.34 -0.89 17.33
CA TRP B 3 16.48 -2.36 17.56
C TRP B 3 15.16 -3.08 17.87
N LEU B 4 14.34 -2.45 18.71
CA LEU B 4 13.05 -3.00 19.10
C LEU B 4 11.95 -2.72 18.07
N PHE B 5 11.90 -1.51 17.54
CA PHE B 5 10.77 -1.09 16.74
C PHE B 5 11.18 -0.60 15.37
N GLU B 6 10.35 -0.93 14.40
CA GLU B 6 10.28 -0.26 13.11
C GLU B 6 8.86 0.35 12.97
N ALA B 7 8.77 1.55 12.39
CA ALA B 7 7.48 2.29 12.22
C ALA B 7 6.99 2.14 10.79
#